data_8EY3
#
_entry.id   8EY3
#
_cell.length_a   27.386
_cell.length_b   35.753
_cell.length_c   50.340
_cell.angle_alpha   90.000
_cell.angle_beta   90.000
_cell.angle_gamma   90.000
#
_symmetry.space_group_name_H-M   'P 21 21 21'
#
loop_
_entity.id
_entity.type
_entity.pdbx_description
1 polymer 'Cys_rich_CPCC domain-containing protein'
2 non-polymer 'FE (II) ION'
3 non-polymer 'SODIUM ION'
4 water water
#
_entity_poly.entity_id   1
_entity_poly.type   'polypeptide(L)'
_entity_poly.pdbx_seq_one_letter_code
;SNAMMNNGSYPCPCCGNKTIDEPGCYEICPICGWEDDPVQSADPDFSGGANSPSLNEAKRAFNEQ
;
_entity_poly.pdbx_strand_id   A
#
loop_
_chem_comp.id
_chem_comp.type
_chem_comp.name
_chem_comp.formula
FE2 non-polymer 'FE (II) ION' 'Fe 2'
NA non-polymer 'SODIUM ION' 'Na 1'
#
# COMPACT_ATOMS: atom_id res chain seq x y z
N ASN A 6 11.74 6.91 3.49
CA ASN A 6 11.80 8.36 3.53
C ASN A 6 10.42 8.98 3.68
N ASN A 7 10.39 10.19 4.20
CA ASN A 7 9.18 10.99 4.14
C ASN A 7 8.78 11.25 2.68
N GLY A 8 7.49 11.23 2.43
CA GLY A 8 6.88 11.59 1.16
C GLY A 8 5.73 12.55 1.33
N SER A 9 4.92 12.66 0.26
N SER A 9 4.94 12.64 0.26
CA SER A 9 3.85 13.64 0.17
CA SER A 9 3.86 13.60 0.14
C SER A 9 2.46 13.04 0.07
C SER A 9 2.48 13.00 0.26
N TYR A 10 2.34 11.72 -0.04
CA TYR A 10 1.06 11.05 -0.14
C TYR A 10 1.06 9.85 0.79
N PRO A 11 -0.10 9.49 1.34
CA PRO A 11 -0.17 8.34 2.24
C PRO A 11 -0.02 7.01 1.49
N CYS A 12 0.74 6.12 2.09
CA CYS A 12 0.75 4.74 1.66
C CYS A 12 -0.67 4.18 1.76
N PRO A 13 -1.20 3.55 0.73
CA PRO A 13 -2.55 2.99 0.81
C PRO A 13 -2.72 2.00 1.95
N CYS A 14 -1.67 1.27 2.31
CA CYS A 14 -1.75 0.24 3.33
C CYS A 14 -1.61 0.81 4.72
N CYS A 15 -0.46 1.39 5.05
CA CYS A 15 -0.18 1.79 6.42
C CYS A 15 -0.58 3.23 6.74
N GLY A 16 -0.85 4.06 5.73
CA GLY A 16 -1.26 5.42 5.93
C GLY A 16 -0.17 6.41 6.19
N ASN A 17 1.05 5.97 6.38
CA ASN A 17 2.16 6.90 6.56
C ASN A 17 2.55 7.51 5.21
N LYS A 18 2.94 8.78 5.23
CA LYS A 18 3.23 9.49 3.97
C LYS A 18 4.64 9.15 3.50
N THR A 19 4.73 8.06 2.71
CA THR A 19 5.95 7.59 2.12
C THR A 19 5.94 7.64 0.59
N ILE A 20 4.87 8.13 -0.02
N ILE A 20 4.85 8.07 -0.01
CA ILE A 20 4.70 8.07 -1.46
CA ILE A 20 4.67 8.07 -1.46
C ILE A 20 4.92 9.42 -2.11
C ILE A 20 5.00 9.42 -2.05
N ASP A 21 5.68 9.42 -3.20
CA ASP A 21 5.92 10.65 -3.97
C ASP A 21 4.87 10.91 -5.03
N GLU A 22 4.33 9.88 -5.67
CA GLU A 22 3.37 10.03 -6.75
C GLU A 22 2.46 8.82 -6.71
N PRO A 23 1.18 8.95 -6.36
CA PRO A 23 0.35 7.75 -6.26
C PRO A 23 0.23 6.97 -7.55
N GLY A 24 0.20 5.68 -7.39
CA GLY A 24 -0.01 4.76 -8.48
C GLY A 24 1.21 4.47 -9.32
N CYS A 25 2.41 4.68 -8.77
CA CYS A 25 3.65 4.54 -9.50
C CYS A 25 4.54 3.44 -8.95
N TYR A 26 3.97 2.47 -8.22
CA TYR A 26 4.67 1.26 -7.87
C TYR A 26 5.80 1.49 -6.89
N GLU A 27 5.80 2.61 -6.18
CA GLU A 27 6.75 2.79 -5.09
C GLU A 27 6.47 1.74 -4.03
N ILE A 28 7.51 1.22 -3.39
CA ILE A 28 7.38 0.20 -2.35
C ILE A 28 7.55 0.87 -1.01
N CYS A 29 6.63 0.70 -0.11
CA CYS A 29 6.67 1.40 1.15
C CYS A 29 7.76 0.82 2.04
N PRO A 30 8.67 1.63 2.53
CA PRO A 30 9.73 1.10 3.42
C PRO A 30 9.23 0.74 4.80
N ILE A 31 8.05 1.21 5.19
CA ILE A 31 7.47 0.91 6.50
C ILE A 31 6.78 -0.44 6.48
N CYS A 32 5.87 -0.64 5.52
CA CYS A 32 4.98 -1.82 5.57
C CYS A 32 5.17 -2.76 4.40
N GLY A 33 5.95 -2.41 3.38
CA GLY A 33 6.19 -3.28 2.25
C GLY A 33 5.17 -3.20 1.13
N TRP A 34 4.10 -2.44 1.28
CA TRP A 34 3.09 -2.38 0.23
C TRP A 34 3.66 -1.72 -1.02
N GLU A 35 3.49 -2.39 -2.16
N GLU A 35 3.57 -2.42 -2.13
CA GLU A 35 3.88 -1.85 -3.46
CA GLU A 35 3.91 -1.83 -3.40
C GLU A 35 2.68 -1.10 -4.02
C GLU A 35 2.68 -1.06 -3.89
N ASP A 36 2.87 0.16 -4.38
CA ASP A 36 1.76 1.03 -4.75
C ASP A 36 1.27 0.78 -6.18
N ASP A 37 0.65 -0.37 -6.36
CA ASP A 37 0.06 -0.84 -7.60
C ASP A 37 -1.30 -0.15 -7.75
N PRO A 38 -1.50 0.65 -8.80
CA PRO A 38 -2.79 1.34 -8.95
C PRO A 38 -3.98 0.40 -9.07
N VAL A 39 -3.79 -0.82 -9.56
CA VAL A 39 -4.90 -1.78 -9.62
C VAL A 39 -5.46 -2.07 -8.24
N GLN A 40 -4.56 -2.21 -7.27
CA GLN A 40 -4.92 -2.67 -5.96
C GLN A 40 -5.41 -1.55 -5.05
N SER A 41 -5.08 -0.29 -5.35
CA SER A 41 -5.77 0.81 -4.71
C SER A 41 -7.13 1.06 -5.36
N ALA A 42 -7.25 0.82 -6.65
CA ALA A 42 -8.54 0.97 -7.33
C ALA A 42 -9.54 -0.08 -6.83
N ASP A 43 -9.11 -1.32 -6.70
CA ASP A 43 -9.95 -2.39 -6.19
C ASP A 43 -9.26 -2.95 -4.96
N PRO A 44 -9.58 -2.46 -3.76
N PRO A 44 -9.68 -2.53 -3.75
CA PRO A 44 -8.90 -2.94 -2.54
CA PRO A 44 -8.97 -2.94 -2.53
C PRO A 44 -9.20 -4.38 -2.16
C PRO A 44 -9.19 -4.39 -2.16
N ASP A 45 -10.07 -5.11 -2.88
CA ASP A 45 -10.27 -6.51 -2.67
C ASP A 45 -9.57 -7.38 -3.71
N PHE A 46 -8.82 -6.80 -4.63
CA PHE A 46 -8.14 -7.56 -5.67
C PHE A 46 -6.79 -8.06 -5.17
N SER A 47 -6.68 -9.37 -4.99
CA SER A 47 -5.45 -10.02 -4.54
C SER A 47 -4.61 -10.41 -5.75
N GLY A 48 -3.31 -10.56 -5.54
CA GLY A 48 -2.49 -11.07 -6.60
C GLY A 48 -2.07 -10.06 -7.66
N GLY A 49 -1.98 -8.80 -7.31
CA GLY A 49 -1.36 -7.80 -8.15
C GLY A 49 0.13 -7.70 -7.88
N ALA A 50 0.69 -6.50 -7.79
CA ALA A 50 2.09 -6.42 -7.40
C ALA A 50 2.28 -7.02 -6.02
N ASN A 51 1.30 -6.89 -5.15
CA ASN A 51 1.25 -7.52 -3.85
C ASN A 51 0.40 -8.77 -3.92
N SER A 52 0.82 -9.82 -3.22
CA SER A 52 -0.04 -10.99 -3.07
C SER A 52 -1.32 -10.66 -2.34
N PRO A 53 -1.29 -10.12 -1.13
CA PRO A 53 -2.56 -9.74 -0.50
C PRO A 53 -3.25 -8.62 -1.27
N SER A 54 -4.58 -8.62 -1.19
CA SER A 54 -5.31 -7.42 -1.52
C SER A 54 -4.92 -6.29 -0.55
N LEU A 55 -5.31 -5.07 -0.93
CA LEU A 55 -5.06 -3.95 -0.04
C LEU A 55 -5.78 -4.15 1.29
N ASN A 56 -7.04 -4.60 1.24
CA ASN A 56 -7.76 -4.80 2.49
C ASN A 56 -7.10 -5.86 3.36
N GLU A 57 -6.62 -6.94 2.74
CA GLU A 57 -5.90 -7.96 3.48
C GLU A 57 -4.62 -7.38 4.08
N ALA A 58 -3.88 -6.61 3.27
CA ALA A 58 -2.61 -6.05 3.73
C ALA A 58 -2.82 -5.05 4.85
N LYS A 59 -3.89 -4.24 4.80
CA LYS A 59 -4.18 -3.28 5.86
C LYS A 59 -4.41 -4.00 7.17
N ARG A 60 -5.23 -5.06 7.15
N ARG A 60 -5.24 -5.05 7.15
CA ARG A 60 -5.49 -5.80 8.38
CA ARG A 60 -5.49 -5.81 8.37
C ARG A 60 -4.23 -6.43 8.90
C ARG A 60 -4.20 -6.40 8.89
N ALA A 61 -3.41 -7.01 8.00
CA ALA A 61 -2.18 -7.65 8.44
C ALA A 61 -1.22 -6.65 9.08
N PHE A 62 -1.12 -5.46 8.50
CA PHE A 62 -0.23 -4.45 9.06
C PHE A 62 -0.71 -4.02 10.46
N ASN A 63 -2.01 -3.80 10.61
CA ASN A 63 -2.56 -3.31 11.84
C ASN A 63 -2.41 -4.31 12.96
N GLU A 64 -2.44 -5.60 12.64
N GLU A 64 -2.45 -5.60 12.62
CA GLU A 64 -2.44 -6.59 13.71
CA GLU A 64 -2.40 -6.64 13.65
C GLU A 64 -1.04 -6.83 14.26
C GLU A 64 -1.05 -6.72 14.30
N GLN A 65 -0.01 -6.33 13.57
CA GLN A 65 1.33 -6.36 14.10
C GLN A 65 1.41 -5.70 15.43
FE FE2 B . 3.10 1.56 3.99
NA NA C . -9.29 -11.00 -3.37
NA NA D . -2.16 3.72 9.66
NA NA E . -12.09 2.08 -6.27
#